data_2XIR
#
_entry.id   2XIR
#
_cell.length_a   135.267
_cell.length_b   56.827
_cell.length_c   52.187
_cell.angle_alpha   90.00
_cell.angle_beta   94.18
_cell.angle_gamma   90.00
#
_symmetry.space_group_name_H-M   'C 1 2 1'
#
loop_
_entity.id
_entity.type
_entity.pdbx_description
1 polymer 'VASCULAR ENDOTHELIAL GROWTH FACTOR RECEPTOR 2'
2 non-polymer N,2-DIMETHYL-6-{[7-(2-MORPHOLIN-4-YLETHOXY)QUINOLIN-4-YL]OXY}-1-BENZOFURAN-3-CARBOXAMIDE
3 water water
#
_entity_poly.entity_id   1
_entity_poly.type   'polypeptide(L)'
_entity_poly.pdbx_seq_one_letter_code
;MDPDELPLDEHCERLPYDASKWEFPRDRLKLGKPLGRGAFGQVIEADAFGIDKTATCRTVAVKMLKEGATHSEHRALMSE
LKILIHIGHHLNVVNLLGACTKPGGPLMVIVEFCKFGNLSTYLRSKRNEFVPYKVAPEDLYKDFLTLEHLICYSFQVAKG
MEFLASRKCIHRDLAARNILLSEKNVVKICDFGLARDIYKDPDYVRKGDARLPLKWMAPETIFDRVYTIQSDVWSFGVLL
WEIFSLGASPYPGVKIDEEFCRRLKEGTRMRAPDYTTPEMYQTMLDCWHGEPSQRPTFSELVEHLGNLLQANAQQD
;
_entity_poly.pdbx_strand_id   A
#
# COMPACT_ATOMS: atom_id res chain seq x y z
N HIS A 11 -11.03 -8.67 14.25
CA HIS A 11 -11.89 -9.85 14.54
C HIS A 11 -12.43 -10.45 13.23
N CYS A 12 -11.55 -10.56 12.24
CA CYS A 12 -11.91 -10.99 10.88
C CYS A 12 -12.43 -12.41 10.77
N GLU A 13 -12.17 -13.23 11.79
CA GLU A 13 -12.52 -14.64 11.76
C GLU A 13 -14.03 -14.89 11.70
N ARG A 14 -14.81 -13.88 12.07
CA ARG A 14 -16.28 -13.97 12.08
C ARG A 14 -16.89 -13.54 10.75
N LEU A 15 -16.07 -13.01 9.85
CA LEU A 15 -16.53 -12.49 8.56
C LEU A 15 -16.89 -13.60 7.59
N PRO A 16 -17.88 -13.35 6.71
CA PRO A 16 -18.34 -14.37 5.76
C PRO A 16 -17.41 -14.58 4.56
N TYR A 17 -17.39 -15.82 4.05
CA TYR A 17 -16.84 -16.10 2.74
C TYR A 17 -17.90 -16.77 1.88
N ASP A 18 -18.44 -16.01 0.92
CA ASP A 18 -19.45 -16.50 0.00
C ASP A 18 -18.78 -17.21 -1.18
N ALA A 19 -18.64 -18.53 -1.07
CA ALA A 19 -17.98 -19.33 -2.10
C ALA A 19 -18.71 -19.27 -3.44
N SER A 20 -20.04 -19.22 -3.41
CA SER A 20 -20.82 -19.15 -4.64
C SER A 20 -20.49 -17.91 -5.47
N LYS A 21 -20.12 -16.82 -4.80
CA LYS A 21 -19.75 -15.58 -5.47
C LYS A 21 -18.26 -15.54 -5.83
N TRP A 22 -17.40 -15.93 -4.90
CA TRP A 22 -15.96 -15.66 -5.02
C TRP A 22 -15.07 -16.82 -5.49
N GLU A 23 -15.54 -18.06 -5.35
CA GLU A 23 -14.70 -19.21 -5.63
C GLU A 23 -14.39 -19.34 -7.11
N PHE A 24 -13.11 -19.54 -7.42
CA PHE A 24 -12.63 -19.70 -8.80
C PHE A 24 -11.90 -21.04 -8.91
N PRO A 25 -12.23 -21.85 -9.95
CA PRO A 25 -11.59 -23.16 -10.09
C PRO A 25 -10.09 -23.05 -10.36
N ARG A 26 -9.30 -23.89 -9.69
CA ARG A 26 -7.84 -23.83 -9.82
C ARG A 26 -7.34 -24.21 -11.21
N ASP A 27 -8.07 -25.06 -11.90
CA ASP A 27 -7.68 -25.52 -13.23
C ASP A 27 -7.83 -24.45 -14.31
N ARG A 28 -8.53 -23.36 -13.97
CA ARG A 28 -8.71 -22.23 -14.89
C ARG A 28 -7.73 -21.11 -14.58
N LEU A 29 -6.77 -21.41 -13.70
CA LEU A 29 -5.71 -20.48 -13.33
C LEU A 29 -4.36 -21.06 -13.73
N LYS A 30 -3.69 -20.39 -14.66
CA LYS A 30 -2.37 -20.82 -15.10
C LYS A 30 -1.29 -19.96 -14.47
N LEU A 31 -0.56 -20.54 -13.52
CA LEU A 31 0.42 -19.79 -12.74
C LEU A 31 1.70 -19.57 -13.52
N GLY A 32 2.31 -18.40 -13.33
CA GLY A 32 3.54 -18.03 -14.04
C GLY A 32 4.66 -17.57 -13.13
N LYS A 33 5.32 -16.49 -13.54
CA LYS A 33 6.51 -15.96 -12.88
C LYS A 33 6.17 -15.28 -11.55
N PRO A 34 7.02 -15.45 -10.52
CA PRO A 34 6.83 -14.73 -9.25
C PRO A 34 6.98 -13.22 -9.40
N LEU A 35 6.15 -12.48 -8.69
CA LEU A 35 6.17 -11.01 -8.71
C LEU A 35 6.75 -10.46 -7.43
N GLY A 36 6.72 -11.27 -6.36
CA GLY A 36 7.28 -10.91 -5.07
C GLY A 36 7.27 -12.12 -4.15
N ARG A 37 8.32 -12.26 -3.34
CA ARG A 37 8.42 -13.39 -2.42
C ARG A 37 8.89 -12.96 -1.04
N GLY A 38 8.25 -13.51 -0.02
CA GLY A 38 8.68 -13.33 1.36
C GLY A 38 9.22 -14.64 1.89
N ALA A 39 9.20 -14.81 3.21
CA ALA A 39 9.62 -16.05 3.83
C ALA A 39 8.53 -17.10 3.75
N PHE A 40 7.28 -16.68 3.95
CA PHE A 40 6.14 -17.60 4.03
C PHE A 40 5.08 -17.36 2.96
N GLY A 41 5.19 -16.24 2.25
CA GLY A 41 4.20 -15.89 1.23
C GLY A 41 4.82 -15.44 -0.08
N GLN A 42 3.99 -15.35 -1.11
CA GLN A 42 4.43 -14.94 -2.44
C GLN A 42 3.28 -14.39 -3.27
N VAL A 43 3.62 -13.55 -4.25
CA VAL A 43 2.67 -13.11 -5.26
C VAL A 43 3.18 -13.63 -6.59
N ILE A 44 2.31 -14.30 -7.35
CA ILE A 44 2.69 -14.82 -8.65
C ILE A 44 1.74 -14.31 -9.74
N GLU A 45 2.31 -13.99 -10.90
CA GLU A 45 1.52 -13.62 -12.05
C GLU A 45 0.82 -14.86 -12.59
N ALA A 46 -0.44 -14.70 -13.03
CA ALA A 46 -1.20 -15.82 -13.57
C ALA A 46 -2.14 -15.38 -14.68
N ASP A 47 -2.57 -16.34 -15.49
CA ASP A 47 -3.60 -16.11 -16.48
C ASP A 47 -4.85 -16.84 -16.03
N ALA A 48 -5.94 -16.08 -15.90
CA ALA A 48 -7.20 -16.61 -15.39
C ALA A 48 -8.26 -16.59 -16.49
N PHE A 49 -8.88 -17.75 -16.73
CA PHE A 49 -9.89 -17.86 -17.77
C PHE A 49 -11.28 -17.57 -17.24
N GLY A 50 -11.83 -16.42 -17.64
CA GLY A 50 -13.21 -16.05 -17.33
C GLY A 50 -13.47 -15.65 -15.89
N ILE A 51 -12.49 -15.02 -15.25
CA ILE A 51 -12.64 -14.64 -13.85
C ILE A 51 -13.57 -13.44 -13.63
N ASP A 52 -13.52 -12.46 -14.54
CA ASP A 52 -14.37 -11.26 -14.41
C ASP A 52 -15.20 -10.94 -15.66
N LYS A 53 -14.92 -11.64 -16.75
CA LYS A 53 -15.67 -11.50 -17.99
C LYS A 53 -15.77 -12.86 -18.67
N THR A 54 -16.98 -13.23 -19.09
CA THR A 54 -17.27 -14.58 -19.59
C THR A 54 -16.31 -15.01 -20.69
N ALA A 55 -15.64 -16.14 -20.45
CA ALA A 55 -14.73 -16.79 -21.41
C ALA A 55 -13.60 -15.93 -21.96
N THR A 56 -13.18 -14.91 -21.20
CA THR A 56 -12.02 -14.13 -21.60
C THR A 56 -10.86 -14.23 -20.63
N CYS A 57 -9.69 -14.52 -21.20
CA CYS A 57 -8.44 -14.63 -20.48
C CYS A 57 -8.04 -13.27 -19.91
N ARG A 58 -7.53 -13.28 -18.68
CA ARG A 58 -7.18 -12.08 -17.96
C ARG A 58 -5.92 -12.34 -17.14
N THR A 59 -4.93 -11.46 -17.29
CA THR A 59 -3.74 -11.51 -16.46
C THR A 59 -4.10 -11.01 -15.07
N VAL A 60 -3.70 -11.77 -14.06
CA VAL A 60 -4.01 -11.47 -12.67
C VAL A 60 -2.77 -11.66 -11.80
N ALA A 61 -2.84 -11.20 -10.56
CA ALA A 61 -1.82 -11.51 -9.57
C ALA A 61 -2.46 -12.34 -8.48
N VAL A 62 -1.77 -13.38 -8.02
CA VAL A 62 -2.33 -14.20 -6.95
C VAL A 62 -1.38 -14.34 -5.76
N LYS A 63 -1.92 -14.05 -4.58
CA LYS A 63 -1.19 -14.21 -3.34
C LYS A 63 -1.46 -15.58 -2.76
N MET A 64 -0.39 -16.25 -2.37
CA MET A 64 -0.47 -17.59 -1.80
C MET A 64 0.72 -17.81 -0.90
N LEU A 65 0.72 -18.92 -0.18
CA LEU A 65 1.80 -19.22 0.74
C LEU A 65 2.95 -19.94 0.05
N LYS A 66 4.07 -20.04 0.77
CA LYS A 66 5.32 -20.63 0.31
C LYS A 66 5.67 -21.82 1.18
N GLU A 67 6.63 -22.63 0.74
CA GLU A 67 7.24 -23.63 1.61
C GLU A 67 7.85 -22.90 2.82
N GLY A 68 7.59 -23.45 4.01
CA GLY A 68 8.00 -22.80 5.25
C GLY A 68 6.79 -22.29 6.02
N ALA A 69 5.74 -21.93 5.30
CA ALA A 69 4.51 -21.47 5.92
C ALA A 69 3.85 -22.56 6.76
N THR A 70 3.16 -22.14 7.81
CA THR A 70 2.41 -23.05 8.66
C THR A 70 0.93 -22.69 8.55
N HIS A 71 0.09 -23.41 9.27
CA HIS A 71 -1.35 -23.14 9.23
C HIS A 71 -1.71 -21.75 9.77
N SER A 72 -0.90 -21.22 10.68
CA SER A 72 -1.12 -19.86 11.19
C SER A 72 -1.10 -18.82 10.07
N GLU A 73 -0.17 -18.97 9.12
CA GLU A 73 -0.11 -18.10 7.95
C GLU A 73 -1.29 -18.32 7.01
N HIS A 74 -1.76 -19.56 6.96
CA HIS A 74 -2.96 -19.91 6.18
C HIS A 74 -4.18 -19.18 6.74
N ARG A 75 -4.33 -19.23 8.06
CA ARG A 75 -5.39 -18.50 8.76
C ARG A 75 -5.34 -17.02 8.47
N ALA A 76 -4.13 -16.45 8.49
CA ALA A 76 -3.93 -15.02 8.25
C ALA A 76 -4.34 -14.63 6.82
N LEU A 77 -4.02 -15.50 5.86
CA LEU A 77 -4.37 -15.25 4.46
C LEU A 77 -5.88 -15.34 4.25
N MET A 78 -6.53 -16.27 4.95
CA MET A 78 -7.99 -16.39 4.91
C MET A 78 -8.68 -15.15 5.48
N SER A 79 -8.14 -14.62 6.58
CA SER A 79 -8.68 -13.40 7.18
C SER A 79 -8.48 -12.21 6.24
N GLU A 80 -7.36 -12.20 5.53
CA GLU A 80 -7.06 -11.18 4.52
C GLU A 80 -8.10 -11.20 3.40
N LEU A 81 -8.42 -12.40 2.92
CA LEU A 81 -9.48 -12.59 1.92
C LEU A 81 -10.82 -12.05 2.44
N LYS A 82 -11.18 -12.43 3.66
CA LYS A 82 -12.45 -12.02 4.26
C LYS A 82 -12.55 -10.50 4.41
N ILE A 83 -11.46 -9.85 4.84
CA ILE A 83 -11.47 -8.40 5.00
C ILE A 83 -11.56 -7.67 3.65
N LEU A 84 -10.91 -8.21 2.62
CA LEU A 84 -11.03 -7.64 1.28
C LEU A 84 -12.46 -7.70 0.75
N ILE A 85 -13.16 -8.78 1.07
CA ILE A 85 -14.57 -8.91 0.71
C ILE A 85 -15.40 -7.87 1.46
N HIS A 86 -15.15 -7.73 2.76
CA HIS A 86 -15.84 -6.73 3.58
C HIS A 86 -15.64 -5.32 3.03
N ILE A 87 -14.38 -4.98 2.75
CA ILE A 87 -14.03 -3.65 2.23
C ILE A 87 -14.78 -3.34 0.93
N GLY A 88 -14.77 -4.28 -0.01
CA GLY A 88 -15.44 -4.08 -1.28
C GLY A 88 -14.59 -3.30 -2.27
N HIS A 89 -15.16 -3.02 -3.44
CA HIS A 89 -14.39 -2.42 -4.52
C HIS A 89 -14.35 -0.89 -4.51
N HIS A 90 -13.17 -0.37 -4.85
CA HIS A 90 -12.95 1.05 -5.11
C HIS A 90 -11.82 1.12 -6.13
N LEU A 91 -11.85 2.14 -6.98
CA LEU A 91 -10.82 2.30 -8.00
C LEU A 91 -9.40 2.30 -7.42
N ASN A 92 -9.26 2.85 -6.22
CA ASN A 92 -7.94 3.09 -5.62
C ASN A 92 -7.56 2.09 -4.52
N VAL A 93 -8.23 0.94 -4.52
CA VAL A 93 -7.82 -0.20 -3.70
C VAL A 93 -7.61 -1.39 -4.63
N VAL A 94 -6.56 -2.17 -4.38
CA VAL A 94 -6.30 -3.34 -5.22
C VAL A 94 -7.57 -4.20 -5.21
N ASN A 95 -8.03 -4.60 -6.39
CA ASN A 95 -9.35 -5.20 -6.48
C ASN A 95 -9.35 -6.71 -6.51
N LEU A 96 -10.10 -7.27 -5.56
CA LEU A 96 -10.25 -8.71 -5.40
C LEU A 96 -11.15 -9.24 -6.51
N LEU A 97 -10.67 -10.30 -7.18
CA LEU A 97 -11.39 -10.91 -8.29
C LEU A 97 -11.96 -12.28 -7.95
N GLY A 98 -11.30 -12.98 -7.03
CA GLY A 98 -11.75 -14.32 -6.64
C GLY A 98 -10.76 -15.01 -5.74
N ALA A 99 -11.06 -16.26 -5.39
CA ALA A 99 -10.19 -17.03 -4.51
C ALA A 99 -10.30 -18.51 -4.79
N CYS A 100 -9.24 -19.25 -4.49
CA CYS A 100 -9.26 -20.71 -4.50
C CYS A 100 -9.11 -21.16 -3.06
N THR A 101 -10.18 -21.73 -2.50
CA THR A 101 -10.22 -22.10 -1.08
C THR A 101 -10.51 -23.59 -0.86
N LYS A 102 -11.00 -24.27 -1.89
CA LYS A 102 -11.39 -25.68 -1.83
C LYS A 102 -10.27 -26.58 -1.31
N PRO A 103 -10.61 -27.58 -0.48
CA PRO A 103 -9.61 -28.54 0.00
C PRO A 103 -8.88 -29.25 -1.15
N GLY A 104 -7.63 -29.66 -0.89
CA GLY A 104 -6.84 -30.39 -1.87
C GLY A 104 -5.83 -29.53 -2.60
N GLY A 105 -5.88 -28.23 -2.33
CA GLY A 105 -4.95 -27.28 -2.93
C GLY A 105 -4.69 -26.11 -1.99
N PRO A 106 -3.69 -25.27 -2.33
CA PRO A 106 -3.35 -24.15 -1.47
C PRO A 106 -4.34 -22.99 -1.59
N LEU A 107 -4.47 -22.21 -0.52
CA LEU A 107 -5.30 -21.01 -0.54
C LEU A 107 -4.67 -19.98 -1.47
N MET A 108 -5.46 -19.48 -2.41
CA MET A 108 -5.00 -18.49 -3.37
C MET A 108 -5.98 -17.33 -3.42
N VAL A 109 -5.44 -16.11 -3.30
CA VAL A 109 -6.25 -14.90 -3.33
C VAL A 109 -5.90 -14.13 -4.59
N ILE A 110 -6.89 -13.95 -5.47
CA ILE A 110 -6.66 -13.44 -6.81
C ILE A 110 -7.09 -11.98 -6.95
N VAL A 111 -6.16 -11.13 -7.34
CA VAL A 111 -6.44 -9.70 -7.53
C VAL A 111 -6.05 -9.23 -8.93
N GLU A 112 -6.55 -8.06 -9.30
CA GLU A 112 -6.22 -7.47 -10.59
C GLU A 112 -4.73 -7.20 -10.74
N PHE A 113 -4.21 -7.43 -11.95
CA PHE A 113 -2.82 -7.19 -12.26
C PHE A 113 -2.58 -5.71 -12.52
N CYS A 114 -1.57 -5.15 -11.86
CA CYS A 114 -1.21 -3.74 -12.03
C CYS A 114 0.11 -3.61 -12.79
N LYS A 115 0.00 -3.13 -14.03
CA LYS A 115 1.08 -3.10 -15.01
C LYS A 115 2.47 -2.71 -14.49
N PHE A 116 2.52 -1.63 -13.71
CA PHE A 116 3.82 -1.05 -13.34
C PHE A 116 4.37 -1.50 -11.99
N GLY A 117 3.61 -2.33 -11.28
CA GLY A 117 4.03 -2.83 -9.97
C GLY A 117 4.03 -1.75 -8.90
N ASN A 118 4.83 -1.95 -7.87
CA ASN A 118 4.85 -1.03 -6.72
C ASN A 118 5.39 0.36 -7.09
N LEU A 119 4.79 1.38 -6.47
CA LEU A 119 5.06 2.77 -6.80
C LEU A 119 6.44 3.25 -6.41
N SER A 120 7.00 2.72 -5.32
CA SER A 120 8.33 3.13 -4.87
C SER A 120 9.38 2.83 -5.93
N THR A 121 9.44 1.57 -6.37
CA THR A 121 10.37 1.15 -7.41
C THR A 121 10.13 1.90 -8.72
N TYR A 122 8.86 2.10 -9.07
CA TYR A 122 8.52 2.80 -10.30
C TYR A 122 9.03 4.24 -10.31
N LEU A 123 8.71 5.01 -9.28
CA LEU A 123 9.12 6.42 -9.22
C LEU A 123 10.64 6.56 -9.26
N ARG A 124 11.32 5.63 -8.57
CA ARG A 124 12.78 5.60 -8.52
C ARG A 124 13.40 5.39 -9.90
N SER A 125 12.63 4.79 -10.81
CA SER A 125 13.08 4.51 -12.17
C SER A 125 12.86 5.68 -13.13
N LYS A 126 12.17 6.72 -12.66
CA LYS A 126 11.73 7.82 -13.53
C LYS A 126 12.45 9.16 -13.30
N ARG A 127 13.57 9.13 -12.58
CA ARG A 127 14.33 10.34 -12.28
C ARG A 127 14.78 11.08 -13.54
N ASN A 128 15.17 10.32 -14.57
CA ASN A 128 15.61 10.87 -15.85
C ASN A 128 14.44 11.08 -16.82
N GLU A 129 13.23 10.78 -16.34
CA GLU A 129 12.02 10.90 -17.14
C GLU A 129 10.94 11.67 -16.36
N PHE A 130 11.35 12.81 -15.82
CA PHE A 130 10.46 13.70 -15.06
C PHE A 130 10.66 15.16 -15.46
N VAL A 131 9.55 15.85 -15.66
CA VAL A 131 9.54 17.31 -15.84
C VAL A 131 8.43 17.90 -14.98
N PRO A 132 8.68 19.03 -14.29
CA PRO A 132 7.62 19.61 -13.48
C PRO A 132 6.38 19.95 -14.33
N TYR A 133 6.61 20.59 -15.47
CA TYR A 133 5.56 20.91 -16.42
C TYR A 133 5.99 20.57 -17.84
N TYR A 141 8.27 14.75 -24.66
CA TYR A 141 8.20 14.36 -23.26
C TYR A 141 7.04 13.41 -22.99
N LYS A 142 6.76 12.52 -23.95
CA LYS A 142 5.72 11.50 -23.76
C LYS A 142 6.25 10.42 -22.81
N ASP A 143 5.34 9.90 -21.98
CA ASP A 143 5.67 8.92 -20.94
C ASP A 143 6.51 9.48 -19.79
N PHE A 144 6.89 10.77 -19.91
CA PHE A 144 7.52 11.49 -18.80
C PHE A 144 6.52 11.70 -17.69
N LEU A 145 6.99 11.56 -16.45
CA LEU A 145 6.20 11.95 -15.29
C LEU A 145 6.23 13.46 -15.13
N THR A 146 5.15 14.01 -14.58
CA THR A 146 5.06 15.44 -14.32
C THR A 146 4.57 15.68 -12.91
N LEU A 147 4.63 16.94 -12.48
CA LEU A 147 4.10 17.35 -11.19
C LEU A 147 2.62 16.96 -11.06
N GLU A 148 1.88 17.09 -12.17
CA GLU A 148 0.47 16.70 -12.20
C GLU A 148 0.27 15.22 -11.85
N HIS A 149 1.09 14.34 -12.43
CA HIS A 149 1.07 12.92 -12.11
C HIS A 149 1.24 12.70 -10.61
N LEU A 150 2.24 13.35 -10.02
CA LEU A 150 2.57 13.19 -8.62
C LEU A 150 1.44 13.63 -7.68
N ILE A 151 0.84 14.79 -7.97
CA ILE A 151 -0.30 15.26 -7.19
C ILE A 151 -1.51 14.35 -7.41
N CYS A 152 -1.66 13.87 -8.64
CA CYS A 152 -2.74 12.95 -8.98
C CYS A 152 -2.66 11.64 -8.21
N TYR A 153 -1.45 11.05 -8.13
CA TYR A 153 -1.24 9.83 -7.36
C TYR A 153 -1.58 10.06 -5.88
N SER A 154 -1.15 11.20 -5.36
CA SER A 154 -1.38 11.57 -3.97
C SER A 154 -2.88 11.66 -3.68
N PHE A 155 -3.60 12.36 -4.55
CA PHE A 155 -5.05 12.52 -4.46
C PHE A 155 -5.74 11.15 -4.47
N GLN A 156 -5.33 10.28 -5.40
CA GLN A 156 -5.91 8.95 -5.51
C GLN A 156 -5.70 8.11 -4.25
N VAL A 157 -4.49 8.14 -3.68
CA VAL A 157 -4.26 7.38 -2.45
C VAL A 157 -5.13 7.91 -1.32
N ALA A 158 -5.28 9.24 -1.23
CA ALA A 158 -6.17 9.84 -0.24
C ALA A 158 -7.61 9.35 -0.42
N LYS A 159 -8.06 9.28 -1.66
CA LYS A 159 -9.40 8.76 -1.98
C LYS A 159 -9.56 7.31 -1.53
N GLY A 160 -8.54 6.50 -1.79
CA GLY A 160 -8.56 5.09 -1.40
C GLY A 160 -8.58 4.92 0.11
N MET A 161 -7.81 5.75 0.81
CA MET A 161 -7.75 5.71 2.27
C MET A 161 -9.02 6.24 2.92
N GLU A 162 -9.62 7.27 2.32
CA GLU A 162 -10.93 7.76 2.76
C GLU A 162 -11.96 6.64 2.66
N PHE A 163 -11.89 5.88 1.57
CA PHE A 163 -12.77 4.73 1.36
C PHE A 163 -12.53 3.65 2.41
N LEU A 164 -11.27 3.29 2.63
CA LEU A 164 -10.93 2.28 3.64
C LEU A 164 -11.46 2.67 5.02
N ALA A 165 -11.29 3.94 5.37
CA ALA A 165 -11.78 4.47 6.65
C ALA A 165 -13.31 4.35 6.78
N SER A 166 -14.02 4.55 5.67
CA SER A 166 -15.47 4.44 5.65
C SER A 166 -15.94 3.01 5.89
N ARG A 167 -15.06 2.06 5.62
CA ARG A 167 -15.31 0.63 5.86
C ARG A 167 -14.87 0.19 7.25
N LYS A 168 -14.50 1.16 8.09
CA LYS A 168 -14.07 0.94 9.47
C LYS A 168 -12.80 0.08 9.55
N CYS A 169 -11.94 0.25 8.53
CA CYS A 169 -10.68 -0.46 8.47
C CYS A 169 -9.50 0.51 8.47
N ILE A 170 -8.36 0.04 8.96
CA ILE A 170 -7.12 0.81 8.88
C ILE A 170 -6.01 -0.04 8.26
N HIS A 171 -5.01 0.62 7.69
CA HIS A 171 -4.01 -0.07 6.89
C HIS A 171 -2.86 -0.66 7.71
N ARG A 172 -2.22 0.20 8.51
CA ARG A 172 -1.10 -0.19 9.40
C ARG A 172 0.27 -0.33 8.73
N ASP A 173 0.33 -0.32 7.40
CA ASP A 173 1.62 -0.36 6.70
C ASP A 173 1.57 0.44 5.39
N LEU A 174 1.04 1.66 5.48
CA LEU A 174 0.94 2.53 4.32
C LEU A 174 2.31 3.11 3.97
N ALA A 175 2.68 2.95 2.70
CA ALA A 175 3.99 3.31 2.17
C ALA A 175 3.96 3.13 0.66
N ALA A 176 4.89 3.75 -0.06
CA ALA A 176 4.92 3.64 -1.53
C ALA A 176 5.11 2.21 -2.03
N ARG A 177 5.84 1.40 -1.27
CA ARG A 177 6.03 -0.01 -1.58
C ARG A 177 4.69 -0.80 -1.56
N ASN A 178 3.70 -0.24 -0.87
CA ASN A 178 2.37 -0.84 -0.78
C ASN A 178 1.32 -0.07 -1.59
N ILE A 179 1.78 0.66 -2.60
CA ILE A 179 0.92 1.25 -3.61
C ILE A 179 1.28 0.64 -4.95
N LEU A 180 0.28 0.26 -5.73
CA LEU A 180 0.50 -0.30 -7.06
C LEU A 180 0.09 0.70 -8.13
N LEU A 181 0.84 0.73 -9.23
CA LEU A 181 0.49 1.57 -10.37
C LEU A 181 0.01 0.72 -11.54
N SER A 182 -1.21 1.01 -11.99
CA SER A 182 -1.81 0.30 -13.12
C SER A 182 -1.74 1.18 -14.37
N GLU A 183 -2.43 0.76 -15.42
CA GLU A 183 -2.55 1.57 -16.64
C GLU A 183 -3.40 2.82 -16.41
N LYS A 184 -3.25 3.80 -17.29
CA LYS A 184 -4.01 5.06 -17.26
C LYS A 184 -3.84 5.83 -15.94
N ASN A 185 -2.64 5.73 -15.38
CA ASN A 185 -2.22 6.47 -14.18
C ASN A 185 -3.05 6.22 -12.91
N VAL A 186 -3.69 5.06 -12.84
CA VAL A 186 -4.49 4.68 -11.68
C VAL A 186 -3.59 3.98 -10.66
N VAL A 187 -3.58 4.50 -9.42
CA VAL A 187 -2.85 3.85 -8.32
C VAL A 187 -3.80 3.16 -7.36
N LYS A 188 -3.32 2.08 -6.75
CA LYS A 188 -4.15 1.25 -5.88
C LYS A 188 -3.43 0.90 -4.59
N ILE A 189 -4.11 1.12 -3.47
CA ILE A 189 -3.60 0.72 -2.17
C ILE A 189 -3.66 -0.79 -2.04
N CYS A 190 -2.59 -1.37 -1.48
CA CYS A 190 -2.51 -2.80 -1.25
C CYS A 190 -1.66 -3.07 -0.02
N ASP A 191 -1.49 -4.35 0.29
CA ASP A 191 -0.50 -4.76 1.28
C ASP A 191 0.12 -6.08 0.86
N PHE A 192 1.40 -6.04 0.51
CA PHE A 192 2.12 -7.25 0.13
C PHE A 192 2.16 -8.27 1.28
N GLY A 193 2.21 -7.77 2.52
CA GLY A 193 2.17 -8.63 3.71
C GLY A 193 3.23 -9.71 3.70
N LEU A 194 2.79 -10.97 3.76
CA LEU A 194 3.67 -12.13 3.79
C LEU A 194 4.48 -12.34 2.52
N ALA A 195 4.06 -11.67 1.44
CA ALA A 195 4.75 -11.77 0.15
C ALA A 195 5.96 -10.84 0.06
N ARG A 196 6.25 -10.15 1.17
CA ARG A 196 7.45 -9.34 1.28
C ARG A 196 8.38 -9.94 2.33
N ASP A 197 9.66 -10.01 1.98
CA ASP A 197 10.69 -10.52 2.89
C ASP A 197 11.12 -9.44 3.88
N ILE A 198 10.36 -9.30 4.96
CA ILE A 198 10.57 -8.24 5.96
C ILE A 198 11.85 -8.41 6.78
N TYR A 199 12.40 -9.62 6.78
CA TYR A 199 13.67 -9.89 7.45
C TYR A 199 14.85 -9.38 6.65
N LYS A 200 14.69 -9.33 5.32
CA LYS A 200 15.73 -8.85 4.42
C LYS A 200 15.49 -7.40 3.97
N ASP A 201 14.24 -6.93 4.09
CA ASP A 201 13.88 -5.58 3.67
C ASP A 201 14.37 -4.54 4.69
N PRO A 202 15.21 -3.59 4.23
CA PRO A 202 15.73 -2.51 5.07
C PRO A 202 14.66 -1.59 5.67
N ASP A 203 13.49 -1.55 5.05
CA ASP A 203 12.37 -0.72 5.52
C ASP A 203 11.79 -1.20 6.84
N TYR A 204 12.10 -2.44 7.22
CA TYR A 204 11.55 -3.02 8.44
C TYR A 204 12.67 -3.25 9.45
N VAL A 205 12.54 -2.60 10.60
CA VAL A 205 13.58 -2.60 11.64
C VAL A 205 13.15 -3.44 12.83
N ARG A 206 14.10 -4.18 13.41
CA ARG A 206 13.84 -5.00 14.58
C ARG A 206 13.47 -4.13 15.78
N LYS A 207 12.29 -4.38 16.33
CA LYS A 207 11.81 -3.70 17.53
C LYS A 207 11.05 -4.71 18.40
N GLY A 208 11.70 -5.14 19.48
CA GLY A 208 11.15 -6.19 20.33
C GLY A 208 11.15 -7.53 19.61
N ASP A 209 9.98 -8.15 19.52
CA ASP A 209 9.83 -9.46 18.90
C ASP A 209 9.20 -9.36 17.51
N ALA A 210 9.44 -8.24 16.83
CA ALA A 210 8.86 -7.99 15.51
C ALA A 210 9.75 -7.10 14.63
N ARG A 211 9.50 -7.14 13.31
CA ARG A 211 10.17 -6.25 12.37
C ARG A 211 9.15 -5.25 11.84
N LEU A 212 9.37 -3.97 12.15
CA LEU A 212 8.38 -2.92 11.91
C LEU A 212 8.86 -1.79 11.00
N PRO A 213 7.94 -1.19 10.22
CA PRO A 213 8.29 -0.08 9.32
C PRO A 213 8.45 1.25 10.06
N LEU A 214 9.47 1.33 10.92
CA LEU A 214 9.65 2.48 11.83
C LEU A 214 9.62 3.85 11.17
N LYS A 215 10.22 3.97 9.99
CA LYS A 215 10.28 5.27 9.30
C LYS A 215 8.92 5.79 8.84
N TRP A 216 7.91 4.92 8.82
CA TRP A 216 6.57 5.28 8.40
C TRP A 216 5.59 5.40 9.57
N MET A 217 6.08 5.12 10.78
CA MET A 217 5.20 5.00 11.94
C MET A 217 5.08 6.29 12.76
N ALA A 218 3.84 6.57 13.17
CA ALA A 218 3.55 7.70 14.06
C ALA A 218 4.19 7.48 15.43
N PRO A 219 4.51 8.57 16.15
CA PRO A 219 5.09 8.45 17.49
C PRO A 219 4.26 7.58 18.44
N GLU A 220 2.94 7.75 18.42
CA GLU A 220 2.06 6.97 19.29
C GLU A 220 2.05 5.48 18.95
N THR A 221 2.36 5.16 17.69
CA THR A 221 2.48 3.77 17.26
C THR A 221 3.81 3.18 17.73
N ILE A 222 4.88 3.96 17.63
CA ILE A 222 6.20 3.53 18.06
C ILE A 222 6.23 3.33 19.58
N PHE A 223 5.72 4.33 20.32
CA PHE A 223 5.85 4.35 21.77
C PHE A 223 4.72 3.67 22.54
N ASP A 224 3.51 3.71 22.00
CA ASP A 224 2.34 3.18 22.70
C ASP A 224 1.68 2.01 21.98
N ARG A 225 2.21 1.66 20.81
CA ARG A 225 1.67 0.58 19.95
C ARG A 225 0.20 0.78 19.59
N VAL A 226 -0.19 2.04 19.42
CA VAL A 226 -1.54 2.42 19.06
C VAL A 226 -1.63 2.60 17.53
N TYR A 227 -2.56 1.88 16.92
CA TYR A 227 -2.83 2.01 15.49
C TYR A 227 -4.25 2.54 15.28
N THR A 228 -4.35 3.69 14.62
CA THR A 228 -5.65 4.27 14.26
C THR A 228 -5.59 4.81 12.84
N ILE A 229 -6.73 5.27 12.33
CA ILE A 229 -6.76 5.93 11.03
C ILE A 229 -5.87 7.17 11.01
N GLN A 230 -5.71 7.80 12.17
CA GLN A 230 -4.86 9.00 12.27
C GLN A 230 -3.37 8.67 12.28
N SER A 231 -3.00 7.46 12.71
CA SER A 231 -1.62 7.00 12.52
C SER A 231 -1.39 6.64 11.04
N ASP A 232 -2.42 6.19 10.35
CA ASP A 232 -2.36 6.02 8.89
C ASP A 232 -2.12 7.36 8.19
N VAL A 233 -2.70 8.43 8.72
CA VAL A 233 -2.49 9.77 8.18
C VAL A 233 -1.01 10.16 8.27
N TRP A 234 -0.38 9.87 9.41
CA TRP A 234 1.07 10.08 9.54
C TRP A 234 1.82 9.36 8.43
N SER A 235 1.52 8.08 8.26
CA SER A 235 2.16 7.28 7.21
C SER A 235 1.92 7.87 5.82
N PHE A 236 0.70 8.38 5.60
CA PHE A 236 0.37 9.04 4.34
C PHE A 236 1.30 10.23 4.08
N GLY A 237 1.64 10.97 5.13
CA GLY A 237 2.62 12.05 5.02
C GLY A 237 3.99 11.57 4.55
N VAL A 238 4.43 10.43 5.10
CA VAL A 238 5.69 9.83 4.66
C VAL A 238 5.58 9.37 3.20
N LEU A 239 4.43 8.79 2.84
CA LEU A 239 4.15 8.43 1.46
C LEU A 239 4.25 9.63 0.53
N LEU A 240 3.67 10.76 0.93
CA LEU A 240 3.76 11.99 0.15
C LEU A 240 5.22 12.36 -0.06
N TRP A 241 6.03 12.24 0.99
CA TRP A 241 7.46 12.52 0.88
C TRP A 241 8.11 11.58 -0.15
N GLU A 242 7.74 10.30 -0.12
CA GLU A 242 8.25 9.33 -1.08
C GLU A 242 7.89 9.69 -2.52
N ILE A 243 6.65 10.14 -2.72
CA ILE A 243 6.19 10.51 -4.05
C ILE A 243 6.96 11.72 -4.58
N PHE A 244 7.11 12.74 -3.75
CA PHE A 244 7.73 13.99 -4.18
C PHE A 244 9.25 14.02 -4.04
N SER A 245 9.81 12.88 -3.66
CA SER A 245 11.25 12.62 -3.75
C SER A 245 11.53 11.65 -4.90
N LEU A 246 10.49 11.32 -5.65
CA LEU A 246 10.54 10.27 -6.68
C LEU A 246 11.17 8.98 -6.17
N GLY A 247 10.58 8.44 -5.10
CA GLY A 247 10.92 7.12 -4.61
C GLY A 247 12.18 7.01 -3.76
N ALA A 248 12.60 8.13 -3.16
CA ALA A 248 13.74 8.10 -2.24
C ALA A 248 13.36 7.42 -0.93
N SER A 249 14.38 6.97 -0.20
CA SER A 249 14.20 6.40 1.13
C SER A 249 14.07 7.50 2.18
N PRO A 250 13.01 7.46 3.00
CA PRO A 250 12.78 8.47 4.05
C PRO A 250 13.94 8.61 5.04
N TYR A 251 14.05 9.80 5.63
CA TYR A 251 15.11 10.14 6.59
C TYR A 251 16.53 9.81 6.10
N PRO A 252 16.95 10.43 4.99
CA PRO A 252 18.25 10.13 4.39
C PRO A 252 19.42 10.38 5.36
N GLY A 253 20.31 9.40 5.47
CA GLY A 253 21.51 9.52 6.30
C GLY A 253 21.26 9.51 7.80
N VAL A 254 20.07 9.04 8.20
CA VAL A 254 19.70 8.97 9.61
C VAL A 254 19.63 7.52 10.07
N LYS A 255 20.34 7.20 11.15
CA LYS A 255 20.29 5.87 11.76
C LYS A 255 18.98 5.73 12.53
N ILE A 256 18.25 4.64 12.25
CA ILE A 256 16.95 4.42 12.88
C ILE A 256 17.13 3.67 14.20
N ASP A 257 17.31 4.44 15.26
CA ASP A 257 17.56 3.92 16.60
C ASP A 257 16.71 4.64 17.65
N GLU A 258 17.09 4.50 18.92
CA GLU A 258 16.39 5.15 20.03
C GLU A 258 16.40 6.67 19.93
N GLU A 259 17.52 7.23 19.48
CA GLU A 259 17.67 8.68 19.28
C GLU A 259 16.74 9.23 18.19
N PHE A 260 16.54 8.45 17.13
CA PHE A 260 15.60 8.81 16.07
C PHE A 260 14.19 8.96 16.61
N CYS A 261 13.74 7.96 17.37
CA CYS A 261 12.39 7.94 17.94
C CYS A 261 12.18 9.06 18.95
N ARG A 262 13.21 9.34 19.76
CA ARG A 262 13.21 10.43 20.73
C ARG A 262 13.05 11.79 20.03
N ARG A 263 13.89 12.05 19.03
CA ARG A 263 13.85 13.29 18.26
C ARG A 263 12.54 13.47 17.50
N LEU A 264 11.97 12.37 17.03
CA LEU A 264 10.68 12.39 16.35
C LEU A 264 9.57 12.88 17.28
N LYS A 265 9.55 12.35 18.50
CA LYS A 265 8.59 12.78 19.52
C LYS A 265 8.81 14.24 19.92
N GLU A 266 10.07 14.67 19.90
CA GLU A 266 10.44 16.07 20.18
C GLU A 266 9.90 17.05 19.14
N GLY A 267 9.81 16.61 17.89
CA GLY A 267 9.27 17.45 16.82
C GLY A 267 10.12 17.53 15.55
N THR A 268 11.20 16.74 15.50
CA THR A 268 12.06 16.67 14.33
C THR A 268 11.28 16.09 13.15
N ARG A 269 11.37 16.75 12.00
CA ARG A 269 10.68 16.30 10.79
C ARG A 269 11.62 16.33 9.59
N MET A 270 11.29 15.54 8.57
CA MET A 270 12.03 15.55 7.31
C MET A 270 12.00 16.91 6.62
N ARG A 271 13.07 17.22 5.91
CA ARG A 271 13.14 18.41 5.06
C ARG A 271 12.33 18.17 3.77
N ALA A 272 12.02 19.25 3.07
CA ALA A 272 11.28 19.17 1.80
C ALA A 272 12.03 18.34 0.76
N PRO A 273 11.34 17.38 0.11
CA PRO A 273 11.96 16.57 -0.94
C PRO A 273 12.14 17.39 -2.23
N ASP A 274 12.97 16.87 -3.14
CA ASP A 274 13.42 17.63 -4.31
C ASP A 274 12.34 18.12 -5.27
N TYR A 275 11.24 17.38 -5.37
CA TYR A 275 10.23 17.66 -6.40
C TYR A 275 8.91 18.21 -5.85
N THR A 276 8.92 18.56 -4.56
CA THR A 276 7.70 19.05 -3.90
C THR A 276 7.31 20.46 -4.35
N THR A 277 6.06 20.81 -4.08
CA THR A 277 5.61 22.20 -4.11
C THR A 277 5.52 22.65 -2.65
N PRO A 278 5.52 23.99 -2.41
CA PRO A 278 5.37 24.49 -1.04
C PRO A 278 4.14 23.94 -0.31
N GLU A 279 2.99 23.91 -0.97
CA GLU A 279 1.75 23.44 -0.33
C GLU A 279 1.77 21.92 -0.08
N MET A 280 2.41 21.16 -0.96
CA MET A 280 2.58 19.72 -0.72
C MET A 280 3.44 19.45 0.51
N TYR A 281 4.51 20.23 0.70
CA TYR A 281 5.36 20.08 1.87
C TYR A 281 4.62 20.44 3.17
N GLN A 282 3.83 21.51 3.13
CA GLN A 282 3.02 21.88 4.29
C GLN A 282 2.00 20.79 4.61
N THR A 283 1.47 20.13 3.57
CA THR A 283 0.54 19.02 3.75
C THR A 283 1.24 17.86 4.48
N MET A 284 2.49 17.58 4.12
CA MET A 284 3.30 16.58 4.82
C MET A 284 3.43 16.93 6.31
N LEU A 285 3.79 18.18 6.58
CA LEU A 285 3.94 18.66 7.97
C LEU A 285 2.63 18.56 8.77
N ASP A 286 1.51 18.84 8.10
CA ASP A 286 0.19 18.70 8.71
C ASP A 286 -0.09 17.25 9.11
N CYS A 287 0.24 16.32 8.20
CA CYS A 287 0.09 14.89 8.46
C CYS A 287 0.99 14.42 9.59
N TRP A 288 2.07 15.16 9.84
CA TRP A 288 3.04 14.79 10.88
C TRP A 288 2.86 15.58 12.19
N HIS A 289 1.64 16.06 12.44
CA HIS A 289 1.34 16.72 13.70
C HIS A 289 1.52 15.71 14.83
N GLY A 290 2.12 16.15 15.93
CA GLY A 290 2.37 15.29 17.09
C GLY A 290 1.10 14.72 17.70
N GLU A 291 0.04 15.52 17.66
CA GLU A 291 -1.27 15.12 18.16
C GLU A 291 -2.10 14.50 17.04
N PRO A 292 -2.44 13.20 17.17
CA PRO A 292 -3.22 12.47 16.15
C PRO A 292 -4.52 13.18 15.74
N SER A 293 -5.22 13.75 16.72
CA SER A 293 -6.50 14.42 16.47
C SER A 293 -6.35 15.75 15.73
N GLN A 294 -5.13 16.26 15.70
CA GLN A 294 -4.82 17.53 15.04
C GLN A 294 -4.34 17.36 13.61
N ARG A 295 -4.03 16.12 13.23
CA ARG A 295 -3.72 15.78 11.84
C ARG A 295 -5.00 15.88 11.01
N PRO A 296 -4.87 16.19 9.71
CA PRO A 296 -6.08 16.18 8.88
C PRO A 296 -6.66 14.77 8.79
N THR A 297 -7.96 14.68 8.54
CA THR A 297 -8.57 13.40 8.22
C THR A 297 -8.34 13.13 6.75
N PHE A 298 -8.54 11.89 6.32
CA PHE A 298 -8.42 11.57 4.90
C PHE A 298 -9.46 12.32 4.05
N SER A 299 -10.63 12.60 4.63
CA SER A 299 -11.63 13.41 3.95
C SER A 299 -11.16 14.84 3.71
N GLU A 300 -10.48 15.41 4.71
CA GLU A 300 -9.85 16.73 4.56
C GLU A 300 -8.75 16.70 3.51
N LEU A 301 -7.95 15.62 3.51
CA LEU A 301 -6.88 15.45 2.54
C LEU A 301 -7.40 15.33 1.11
N VAL A 302 -8.49 14.59 0.94
CA VAL A 302 -9.15 14.47 -0.37
C VAL A 302 -9.57 15.86 -0.89
N GLU A 303 -10.22 16.64 -0.03
CA GLU A 303 -10.67 17.99 -0.39
C GLU A 303 -9.48 18.86 -0.78
N HIS A 304 -8.45 18.87 0.07
CA HIS A 304 -7.28 19.70 -0.14
C HIS A 304 -6.50 19.32 -1.40
N LEU A 305 -6.21 18.03 -1.55
CA LEU A 305 -5.46 17.57 -2.71
C LEU A 305 -6.23 17.73 -4.02
N GLY A 306 -7.55 17.61 -3.95
CA GLY A 306 -8.42 17.92 -5.08
C GLY A 306 -8.24 19.36 -5.52
N ASN A 307 -8.22 20.27 -4.54
CA ASN A 307 -7.98 21.69 -4.78
C ASN A 307 -6.60 21.96 -5.39
N LEU A 308 -5.58 21.26 -4.88
CA LEU A 308 -4.21 21.39 -5.39
C LEU A 308 -4.06 20.86 -6.81
N LEU A 309 -4.76 19.78 -7.12
CA LEU A 309 -4.73 19.18 -8.45
C LEU A 309 -5.37 20.12 -9.47
N GLN A 310 -6.46 20.76 -9.07
CA GLN A 310 -7.15 21.74 -9.90
C GLN A 310 -6.32 23.01 -10.10
N ALA A 311 -5.65 23.46 -9.03
CA ALA A 311 -4.77 24.63 -9.09
C ALA A 311 -3.59 24.41 -10.02
N ASN A 312 -3.11 23.16 -10.08
CA ASN A 312 -2.03 22.77 -10.98
C ASN A 312 -2.46 22.83 -12.46
N ALA A 313 -3.69 22.41 -12.73
CA ALA A 313 -4.24 22.43 -14.08
C ALA A 313 -4.86 23.78 -14.41
#